data_4BUX
#
_entry.id   4BUX
#
_cell.length_a   90.980
_cell.length_b   98.070
_cell.length_c   118.640
_cell.angle_alpha   90.00
_cell.angle_beta   90.00
_cell.angle_gamma   90.00
#
_symmetry.space_group_name_H-M   'C 2 2 21'
#
loop_
_entity.id
_entity.type
_entity.pdbx_description
1 polymer TANKYRASE-2
2 non-polymer 'ZINC ION'
3 non-polymer GLYCEROL
4 non-polymer 'SULFATE ION'
5 non-polymer 3-[[4-(4-oxidanylidene-3H-quinazolin-2-yl)phenyl]methyl]imidazolidine-2,4-dione
6 water water
#
_entity_poly.entity_id   1
_entity_poly.type   'polypeptide(L)'
_entity_poly.pdbx_seq_one_letter_code
;MHHHHHHSSGVDLGTENLYFQSMLNTSGSGTILIDLSPDDKEFQSVEEEMQSTVREHRDGGHAGGIFNRYNILKIQKVCN
KKLWERYTHRRKEVSEENHNHANERMLFHGSPFVNAIIHKGFDERHAYIGGMFGAGIYFAENSSKSNQYVYGIGGGTGCP
VHKDRSCYICHRQLLFCRVTLGKSFLQFSAMKMAHSPPGHHSVTGRPSVNGLALAEYVIYRGEQAYPEYLITYQIMRPEG
;
_entity_poly.pdbx_strand_id   A,C
#
loop_
_chem_comp.id
_chem_comp.type
_chem_comp.name
_chem_comp.formula
F35 non-polymer 3-[[4-(4-oxidanylidene-3H-quinazolin-2-yl)phenyl]methyl]imidazolidine-2,4-dione 'C18 H14 N4 O3'
GOL non-polymer GLYCEROL 'C3 H8 O3'
SO4 non-polymer 'SULFATE ION' 'O4 S -2'
ZN non-polymer 'ZINC ION' 'Zn 2'
#
# COMPACT_ATOMS: atom_id res chain seq x y z
N GLY A 30 34.38 -14.24 -5.75
CA GLY A 30 34.98 -13.77 -7.03
C GLY A 30 34.58 -12.35 -7.39
N THR A 31 34.03 -11.60 -6.45
CA THR A 31 33.56 -10.26 -6.81
C THR A 31 34.68 -9.26 -6.65
N ILE A 32 34.87 -8.41 -7.68
CA ILE A 32 35.69 -7.20 -7.51
C ILE A 32 34.88 -5.95 -7.84
N LEU A 33 35.18 -4.89 -7.12
CA LEU A 33 34.51 -3.60 -7.27
C LEU A 33 35.48 -2.62 -7.92
N ILE A 34 35.09 -2.08 -9.07
CA ILE A 34 35.89 -1.07 -9.75
C ILE A 34 35.25 0.31 -9.61
N ASP A 35 36.01 1.24 -9.04
CA ASP A 35 35.51 2.60 -8.90
C ASP A 35 35.39 3.27 -10.21
N LEU A 36 34.29 3.97 -10.44
CA LEU A 36 34.21 4.81 -11.62
C LEU A 36 34.62 6.20 -11.24
N SER A 37 35.33 6.86 -12.13
CA SER A 37 35.67 8.27 -11.97
C SER A 37 34.42 9.12 -12.21
N PRO A 38 34.26 10.23 -11.46
CA PRO A 38 33.13 11.12 -11.77
C PRO A 38 33.17 11.74 -13.16
N ASP A 39 34.32 11.67 -13.83
CA ASP A 39 34.48 12.16 -15.20
C ASP A 39 34.00 11.17 -16.23
N ASP A 40 33.82 9.93 -15.82
CA ASP A 40 33.44 8.84 -16.72
C ASP A 40 31.96 9.02 -17.05
N LYS A 41 31.63 8.95 -18.33
CA LYS A 41 30.25 9.05 -18.80
C LYS A 41 29.33 8.05 -18.12
N GLU A 42 29.88 6.91 -17.71
CA GLU A 42 29.13 5.85 -17.07
C GLU A 42 28.75 6.24 -15.63
N PHE A 43 29.65 6.91 -14.92
CA PHE A 43 29.33 7.50 -13.62
C PHE A 43 28.21 8.49 -13.79
N GLN A 44 28.36 9.35 -14.80
CA GLN A 44 27.43 10.45 -14.96
C GLN A 44 26.04 9.97 -15.30
N SER A 45 25.93 8.93 -16.11
CA SER A 45 24.60 8.44 -16.50
C SER A 45 23.92 7.70 -15.34
N VAL A 46 24.68 6.95 -14.55
CA VAL A 46 24.13 6.30 -13.34
C VAL A 46 23.69 7.34 -12.30
N GLU A 47 24.51 8.37 -12.06
CA GLU A 47 24.15 9.40 -11.09
C GLU A 47 22.87 10.06 -11.55
N GLU A 48 22.75 10.34 -12.82
CA GLU A 48 21.57 11.05 -13.32
C GLU A 48 20.28 10.20 -13.17
N GLU A 49 20.38 8.87 -13.35
CA GLU A 49 19.23 8.02 -13.05
C GLU A 49 18.87 8.02 -11.56
N MET A 50 19.88 7.94 -10.69
CA MET A 50 19.65 8.12 -9.22
C MET A 50 18.88 9.41 -8.93
N GLN A 51 19.43 10.52 -9.40
CA GLN A 51 18.95 11.85 -9.00
C GLN A 51 17.59 12.11 -9.64
N SER A 52 17.45 11.77 -10.91
CA SER A 52 16.25 12.17 -11.64
C SER A 52 15.02 11.35 -11.26
N THR A 53 15.18 10.24 -10.53
CA THR A 53 14.06 9.39 -10.14
C THR A 53 13.68 9.48 -8.67
N VAL A 54 14.14 10.51 -7.98
CA VAL A 54 13.65 10.83 -6.63
C VAL A 54 12.22 11.38 -6.74
N ARG A 55 11.34 10.95 -5.84
CA ARG A 55 10.02 11.57 -5.74
C ARG A 55 9.68 11.72 -4.28
N GLU A 56 8.59 12.43 -4.01
CA GLU A 56 7.99 12.46 -2.69
C GLU A 56 7.19 11.17 -2.46
N HIS A 57 7.17 10.73 -1.21
CA HIS A 57 6.52 9.52 -0.83
C HIS A 57 5.37 9.83 0.11
N ARG A 58 4.39 8.96 0.08
CA ARG A 58 3.11 9.20 0.76
C ARG A 58 3.27 9.15 2.27
N ASP A 59 4.39 8.58 2.74
CA ASP A 59 4.71 8.61 4.16
C ASP A 59 5.37 9.88 4.66
N GLY A 60 5.47 10.89 3.79
CA GLY A 60 6.10 12.16 4.16
C GLY A 60 7.56 12.07 4.59
N GLY A 61 8.23 10.98 4.19
CA GLY A 61 9.63 10.74 4.50
C GLY A 61 9.89 9.83 5.67
N HIS A 62 8.84 9.25 6.25
CA HIS A 62 9.01 8.44 7.46
C HIS A 62 10.02 7.30 7.27
N ALA A 63 9.93 6.59 6.15
CA ALA A 63 10.70 5.38 5.95
C ALA A 63 12.08 5.73 5.48
N GLY A 64 12.18 6.63 4.51
CA GLY A 64 13.41 6.84 3.77
C GLY A 64 14.14 8.12 4.12
N GLY A 65 13.47 9.02 4.83
CA GLY A 65 13.98 10.34 5.11
C GLY A 65 13.37 11.42 4.25
N ILE A 66 13.60 12.66 4.65
CA ILE A 66 13.15 13.82 3.88
C ILE A 66 14.32 14.35 3.04
N PHE A 67 14.15 14.34 1.72
CA PHE A 67 15.19 14.81 0.79
C PHE A 67 14.64 14.95 -0.62
N ASN A 68 15.24 15.82 -1.41
CA ASN A 68 14.91 15.95 -2.82
C ASN A 68 16.00 15.43 -3.72
N ARG A 69 17.18 15.20 -3.14
CA ARG A 69 18.32 14.80 -3.93
C ARG A 69 19.36 14.14 -3.04
N TYR A 70 20.35 13.54 -3.68
CA TYR A 70 21.43 12.86 -3.00
C TYR A 70 22.77 13.53 -3.20
N ASN A 71 23.68 13.25 -2.27
CA ASN A 71 25.10 13.47 -2.46
C ASN A 71 25.72 12.14 -2.84
N ILE A 72 26.09 11.97 -4.10
CA ILE A 72 26.71 10.73 -4.53
C ILE A 72 28.18 10.75 -4.15
N LEU A 73 28.59 9.76 -3.37
CA LEU A 73 29.94 9.65 -2.86
C LEU A 73 30.82 8.72 -3.72
N LYS A 74 30.24 7.63 -4.23
CA LYS A 74 30.98 6.66 -4.99
C LYS A 74 30.04 5.82 -5.84
N ILE A 75 30.52 5.45 -7.03
CA ILE A 75 29.82 4.50 -7.86
C ILE A 75 30.82 3.46 -8.31
N GLN A 76 30.57 2.21 -7.94
CA GLN A 76 31.43 1.11 -8.32
C GLN A 76 30.73 0.12 -9.22
N LYS A 77 31.47 -0.36 -10.21
CA LYS A 77 31.00 -1.42 -11.07
C LYS A 77 31.30 -2.76 -10.38
N VAL A 78 30.30 -3.64 -10.37
CA VAL A 78 30.37 -4.91 -9.70
C VAL A 78 30.69 -5.98 -10.73
N CYS A 79 31.85 -6.62 -10.57
CA CYS A 79 32.36 -7.59 -11.56
C CYS A 79 32.50 -8.94 -10.92
N ASN A 80 31.66 -9.86 -11.36
CA ASN A 80 31.75 -11.25 -10.93
C ASN A 80 31.36 -12.13 -12.11
N LYS A 81 32.35 -12.81 -12.67
CA LYS A 81 32.15 -13.58 -13.89
C LYS A 81 31.08 -14.68 -13.73
N LYS A 82 31.15 -15.41 -12.63
CA LYS A 82 30.22 -16.49 -12.40
C LYS A 82 28.78 -15.97 -12.24
N LEU A 83 28.61 -14.88 -11.48
CA LEU A 83 27.30 -14.32 -11.27
C LEU A 83 26.75 -13.75 -12.59
N TRP A 84 27.62 -13.20 -13.42
CA TRP A 84 27.23 -12.64 -14.73
C TRP A 84 26.74 -13.75 -15.65
N GLU A 85 27.46 -14.85 -15.67
CA GLU A 85 27.10 -15.97 -16.53
C GLU A 85 25.81 -16.65 -16.06
N ARG A 86 25.59 -16.67 -14.75
CA ARG A 86 24.33 -17.11 -14.16
C ARG A 86 23.16 -16.25 -14.66
N TYR A 87 23.37 -14.93 -14.67
CA TYR A 87 22.37 -14.00 -15.18
C TYR A 87 22.09 -14.19 -16.68
N THR A 88 23.14 -14.23 -17.50
CA THR A 88 22.96 -14.30 -18.97
C THR A 88 22.40 -15.64 -19.44
N HIS A 89 22.72 -16.70 -18.70
CA HIS A 89 22.13 -18.02 -18.99
C HIS A 89 20.59 -17.99 -18.84
N ARG A 90 20.14 -17.45 -17.71
CA ARG A 90 18.70 -17.32 -17.42
C ARG A 90 18.03 -16.32 -18.39
N ARG A 91 18.74 -15.25 -18.71
CA ARG A 91 18.24 -14.25 -19.65
C ARG A 91 17.92 -14.89 -21.01
N LYS A 92 18.80 -15.76 -21.49
CA LYS A 92 18.59 -16.45 -22.75
C LYS A 92 17.40 -17.42 -22.64
N GLU A 93 17.25 -18.09 -21.51
CA GLU A 93 16.06 -18.90 -21.31
C GLU A 93 14.76 -18.09 -21.38
N VAL A 94 14.72 -16.97 -20.67
CA VAL A 94 13.54 -16.13 -20.67
C VAL A 94 13.30 -15.61 -22.09
N SER A 95 14.34 -15.08 -22.69
CA SER A 95 14.29 -14.59 -24.04
C SER A 95 13.69 -15.61 -25.02
N GLU A 96 14.13 -16.86 -24.93
CA GLU A 96 13.64 -17.87 -25.87
C GLU A 96 12.19 -18.23 -25.61
N GLU A 97 11.70 -17.97 -24.40
CA GLU A 97 10.29 -18.15 -24.04
C GLU A 97 9.40 -16.93 -24.37
N ASN A 98 9.98 -15.89 -24.98
CA ASN A 98 9.29 -14.60 -25.13
C ASN A 98 9.74 -13.93 -26.42
N HIS A 99 9.58 -14.66 -27.53
CA HIS A 99 9.92 -14.18 -28.87
C HIS A 99 11.21 -13.38 -28.91
N ASN A 100 12.24 -13.94 -28.30
CA ASN A 100 13.61 -13.38 -28.29
C ASN A 100 13.67 -11.99 -27.67
N HIS A 101 12.90 -11.79 -26.61
CA HIS A 101 12.85 -10.52 -25.90
C HIS A 101 12.96 -10.75 -24.41
N ALA A 102 14.12 -10.45 -23.85
CA ALA A 102 14.36 -10.54 -22.41
C ALA A 102 13.61 -9.49 -21.60
N ASN A 103 13.23 -8.38 -22.25
CA ASN A 103 12.59 -7.27 -21.58
C ASN A 103 13.42 -6.84 -20.37
N GLU A 104 14.67 -6.47 -20.64
CA GLU A 104 15.65 -6.13 -19.64
C GLU A 104 15.61 -4.64 -19.29
N ARG A 105 15.60 -4.39 -18.00
CA ARG A 105 15.53 -3.05 -17.46
C ARG A 105 16.73 -2.81 -16.53
N MET A 106 17.01 -1.54 -16.26
CA MET A 106 17.92 -1.15 -15.19
C MET A 106 17.09 -0.54 -14.05
N LEU A 107 17.14 -1.17 -12.89
CA LEU A 107 16.28 -0.79 -11.80
C LEU A 107 17.03 -0.75 -10.49
N PHE A 108 16.48 -0.02 -9.52
CA PHE A 108 17.11 0.12 -8.23
C PHE A 108 16.69 -0.98 -7.28
N HIS A 109 17.60 -1.33 -6.38
CA HIS A 109 17.30 -2.24 -5.29
C HIS A 109 18.00 -1.74 -4.02
N GLY A 110 17.21 -1.57 -2.95
CA GLY A 110 17.72 -1.24 -1.64
C GLY A 110 17.49 -2.38 -0.66
N SER A 111 18.49 -2.66 0.18
CA SER A 111 18.43 -3.81 1.08
C SER A 111 19.47 -3.75 2.16
N PRO A 112 19.11 -4.22 3.36
CA PRO A 112 20.16 -4.45 4.37
C PRO A 112 21.22 -5.44 3.93
N PHE A 113 20.94 -6.26 2.91
CA PHE A 113 21.85 -7.31 2.47
C PHE A 113 22.66 -7.01 1.21
N VAL A 114 22.81 -5.73 0.87
CA VAL A 114 23.55 -5.31 -0.31
C VAL A 114 24.92 -5.97 -0.36
N ASN A 115 25.60 -6.05 0.77
CA ASN A 115 26.92 -6.67 0.77
C ASN A 115 26.94 -8.17 0.52
N ALA A 116 25.96 -8.94 0.98
CA ALA A 116 25.87 -10.33 0.55
C ALA A 116 25.44 -10.49 -0.92
N ILE A 117 24.62 -9.55 -1.40
CA ILE A 117 24.16 -9.65 -2.79
C ILE A 117 25.31 -9.52 -3.76
N ILE A 118 26.18 -8.54 -3.54
CA ILE A 118 27.22 -8.30 -4.52
C ILE A 118 28.28 -9.40 -4.55
N HIS A 119 28.40 -10.16 -3.46
CA HIS A 119 29.33 -11.31 -3.39
C HIS A 119 28.73 -12.64 -3.81
N LYS A 120 27.47 -12.87 -3.48
CA LYS A 120 26.87 -14.19 -3.68
C LYS A 120 25.71 -14.25 -4.65
N GLY A 121 25.24 -13.09 -5.13
CA GLY A 121 24.15 -13.03 -6.09
C GLY A 121 22.82 -12.89 -5.36
N PHE A 122 21.78 -12.48 -6.08
CA PHE A 122 20.43 -12.53 -5.53
C PHE A 122 19.96 -13.97 -5.39
N ASP A 123 19.26 -14.27 -4.30
CA ASP A 123 18.55 -15.53 -4.15
C ASP A 123 17.36 -15.39 -3.20
N GLU A 124 16.66 -16.50 -2.97
CA GLU A 124 15.45 -16.53 -2.12
C GLU A 124 15.58 -15.81 -0.78
N ARG A 125 16.78 -15.72 -0.22
CA ARG A 125 17.01 -15.01 1.04
C ARG A 125 16.92 -13.49 0.96
N HIS A 126 16.89 -12.95 -0.26
CA HIS A 126 16.76 -11.50 -0.46
C HIS A 126 15.33 -11.06 -0.81
N ALA A 127 14.40 -12.04 -0.79
CA ALA A 127 13.00 -11.83 -1.13
C ALA A 127 12.25 -11.10 -0.02
N TYR A 128 11.36 -10.21 -0.40
CA TYR A 128 10.47 -9.54 0.53
C TYR A 128 9.27 -10.44 0.73
N ILE A 129 9.30 -11.24 1.81
CA ILE A 129 8.28 -12.25 2.03
C ILE A 129 6.91 -11.58 2.07
N GLY A 130 6.82 -10.47 2.78
CA GLY A 130 5.55 -9.76 2.92
C GLY A 130 5.15 -8.75 1.85
N GLY A 131 5.80 -8.76 0.68
CA GLY A 131 5.56 -7.75 -0.32
C GLY A 131 4.16 -7.89 -0.94
N MET A 132 3.66 -6.82 -1.50
CA MET A 132 2.28 -6.84 -2.01
C MET A 132 2.02 -7.69 -3.23
N PHE A 133 3.08 -8.15 -3.89
CA PHE A 133 2.95 -9.07 -5.02
C PHE A 133 3.58 -10.40 -4.71
N GLY A 134 3.62 -10.77 -3.43
CA GLY A 134 4.11 -12.08 -2.99
C GLY A 134 5.59 -12.10 -2.69
N ALA A 135 6.06 -13.25 -2.21
CA ALA A 135 7.45 -13.37 -1.80
C ALA A 135 8.32 -13.42 -3.05
N GLY A 136 8.85 -12.28 -3.44
CA GLY A 136 9.82 -12.23 -4.53
C GLY A 136 10.86 -11.19 -4.23
N ILE A 137 11.72 -10.90 -5.20
CA ILE A 137 12.71 -9.85 -5.04
C ILE A 137 12.23 -8.62 -5.78
N TYR A 138 12.18 -7.49 -5.07
CA TYR A 138 11.49 -6.29 -5.52
C TYR A 138 12.50 -5.25 -6.01
N PHE A 139 12.15 -4.56 -7.11
CA PHE A 139 12.97 -3.50 -7.68
C PHE A 139 12.09 -2.28 -8.01
N ALA A 140 12.68 -1.08 -8.02
CA ALA A 140 11.96 0.15 -8.28
C ALA A 140 12.59 0.97 -9.41
N GLU A 141 11.75 1.62 -10.19
CA GLU A 141 12.21 2.71 -11.07
C GLU A 141 12.62 3.94 -10.28
N ASN A 142 11.89 4.26 -9.22
CA ASN A 142 12.25 5.38 -8.37
C ASN A 142 13.38 4.99 -7.40
N SER A 143 14.55 5.63 -7.52
CA SER A 143 15.61 5.42 -6.54
C SER A 143 15.12 5.69 -5.10
N SER A 144 14.27 6.71 -4.91
CA SER A 144 13.77 7.04 -3.58
C SER A 144 12.89 5.94 -2.98
N LYS A 145 12.22 5.15 -3.82
CA LYS A 145 11.51 3.97 -3.30
C LYS A 145 12.47 2.93 -2.71
N SER A 146 13.51 2.57 -3.47
CA SER A 146 14.53 1.63 -2.97
C SER A 146 15.26 2.16 -1.75
N ASN A 147 15.43 3.46 -1.67
CA ASN A 147 16.07 4.08 -0.49
C ASN A 147 15.29 3.80 0.81
N GLN A 148 13.96 3.62 0.69
CA GLN A 148 13.15 3.31 1.84
C GLN A 148 13.49 1.94 2.45
N TYR A 149 14.22 1.08 1.75
CA TYR A 149 14.56 -0.28 2.25
C TYR A 149 16.02 -0.50 2.65
N VAL A 150 16.85 0.52 2.49
CA VAL A 150 18.27 0.44 2.86
C VAL A 150 18.47 -0.04 4.29
N TYR A 151 17.66 0.47 5.21
CA TYR A 151 17.74 0.10 6.62
C TYR A 151 16.66 -0.85 7.02
N GLY A 152 16.02 -1.51 6.06
CA GLY A 152 15.02 -2.50 6.34
C GLY A 152 13.64 -2.08 5.90
N ILE A 153 12.67 -2.95 6.10
CA ILE A 153 11.31 -2.69 5.69
C ILE A 153 10.83 -1.51 6.49
N GLY A 154 10.24 -0.56 5.81
CA GLY A 154 9.75 0.64 6.45
C GLY A 154 10.87 1.52 6.98
N GLY A 155 12.11 1.31 6.54
CA GLY A 155 13.24 2.03 7.09
C GLY A 155 13.79 1.44 8.38
N GLY A 156 13.21 0.34 8.87
CA GLY A 156 13.61 -0.29 10.11
C GLY A 156 13.68 0.71 11.25
N THR A 157 14.77 0.67 12.00
CA THR A 157 15.06 1.66 13.04
C THR A 157 16.03 2.75 12.58
N GLY A 158 16.27 2.83 11.27
CA GLY A 158 17.10 3.90 10.72
C GLY A 158 18.56 3.48 10.74
N CYS A 159 19.45 4.46 10.67
CA CYS A 159 20.88 4.16 10.52
C CYS A 159 21.39 3.41 11.77
N PRO A 160 22.37 2.52 11.61
CA PRO A 160 22.95 1.83 12.77
C PRO A 160 23.49 2.78 13.86
N VAL A 161 24.06 3.91 13.46
CA VAL A 161 24.79 4.76 14.39
C VAL A 161 23.89 5.73 15.15
N HIS A 162 22.96 6.38 14.46
CA HIS A 162 22.08 7.37 15.08
C HIS A 162 20.63 6.93 15.24
N LYS A 163 20.26 5.74 14.77
CA LYS A 163 18.85 5.29 14.81
C LYS A 163 17.90 6.30 14.17
N ASP A 164 18.34 6.85 13.04
CA ASP A 164 17.62 7.92 12.36
C ASP A 164 17.32 7.52 10.91
N ARG A 165 16.05 7.25 10.62
CA ARG A 165 15.62 6.91 9.24
C ARG A 165 15.91 8.01 8.24
N SER A 166 16.03 9.24 8.74
CA SER A 166 16.32 10.39 7.92
C SER A 166 17.75 10.88 8.14
N CYS A 167 18.69 10.00 8.47
CA CYS A 167 20.06 10.45 8.75
C CYS A 167 20.68 11.07 7.51
N TYR A 168 21.23 12.28 7.69
CA TYR A 168 21.92 13.00 6.61
C TYR A 168 23.45 12.82 6.65
N ILE A 169 23.92 12.11 7.65
CA ILE A 169 25.34 11.93 7.87
C ILE A 169 25.81 10.60 7.34
N CYS A 170 25.12 9.55 7.75
CA CYS A 170 25.57 8.20 7.49
C CYS A 170 25.48 7.88 5.99
N HIS A 171 26.45 7.07 5.55
CA HIS A 171 26.63 6.63 4.19
C HIS A 171 25.71 5.46 3.91
N ARG A 172 24.91 5.59 2.85
CA ARG A 172 23.98 4.57 2.43
C ARG A 172 24.44 3.96 1.12
N GLN A 173 23.93 2.78 0.82
CA GLN A 173 24.23 2.11 -0.42
C GLN A 173 22.98 1.55 -1.09
N LEU A 174 22.89 1.72 -2.42
CA LEU A 174 21.86 1.09 -3.24
C LEU A 174 22.54 0.33 -4.37
N LEU A 175 21.82 -0.64 -4.94
CA LEU A 175 22.22 -1.28 -6.16
C LEU A 175 21.43 -0.74 -7.35
N PHE A 176 22.11 -0.56 -8.48
CA PHE A 176 21.43 -0.29 -9.75
C PHE A 176 21.65 -1.55 -10.59
N CYS A 177 20.58 -2.29 -10.85
CA CYS A 177 20.66 -3.66 -11.29
C CYS A 177 20.12 -3.88 -12.67
N ARG A 178 20.68 -4.85 -13.37
CA ARG A 178 20.17 -5.27 -14.65
C ARG A 178 19.18 -6.40 -14.35
N VAL A 179 17.94 -6.22 -14.79
CA VAL A 179 16.84 -7.11 -14.43
C VAL A 179 16.11 -7.64 -15.65
N THR A 180 15.94 -8.95 -15.74
CA THR A 180 15.20 -9.56 -16.84
C THR A 180 13.74 -9.71 -16.44
N LEU A 181 12.83 -8.98 -17.10
CA LEU A 181 11.41 -9.11 -16.76
C LEU A 181 10.65 -10.15 -17.56
N GLY A 182 11.13 -10.47 -18.76
CA GLY A 182 10.38 -11.30 -19.69
C GLY A 182 8.95 -10.82 -19.87
N LYS A 183 8.02 -11.77 -19.96
CA LYS A 183 6.60 -11.46 -20.00
C LYS A 183 6.15 -11.16 -18.60
N SER A 184 5.77 -9.90 -18.35
CA SER A 184 5.49 -9.46 -16.99
C SER A 184 3.98 -9.36 -16.75
N PHE A 185 3.53 -9.88 -15.63
CA PHE A 185 2.12 -9.79 -15.21
C PHE A 185 1.80 -8.38 -14.71
N LEU A 186 0.85 -7.68 -15.34
CA LEU A 186 0.51 -6.30 -14.99
CA LEU A 186 0.53 -6.31 -14.97
C LEU A 186 -0.53 -6.27 -13.87
N GLN A 187 -0.16 -5.67 -12.74
CA GLN A 187 -1.02 -5.51 -11.60
C GLN A 187 -1.28 -4.00 -11.46
N PHE A 188 -2.53 -3.59 -11.58
CA PHE A 188 -2.89 -2.20 -11.38
C PHE A 188 -3.11 -2.11 -9.87
N SER A 189 -2.63 -1.06 -9.23
CA SER A 189 -2.67 -1.06 -7.76
C SER A 189 -2.33 0.28 -7.18
N ALA A 190 -2.91 0.56 -6.01
CA ALA A 190 -2.53 1.73 -5.22
C ALA A 190 -1.25 1.46 -4.43
N MET A 193 10.60 -18.33 -1.97
CA MET A 193 9.91 -17.46 -2.93
C MET A 193 8.67 -18.10 -3.54
N ALA A 194 7.68 -17.26 -3.84
CA ALA A 194 6.54 -17.69 -4.65
C ALA A 194 7.03 -17.96 -6.08
N HIS A 195 6.10 -18.34 -6.96
CA HIS A 195 6.38 -18.50 -8.37
C HIS A 195 5.79 -17.30 -9.10
N SER A 196 6.31 -17.01 -10.28
CA SER A 196 5.68 -16.03 -11.18
C SER A 196 4.30 -16.56 -11.51
N PRO A 197 3.36 -15.66 -11.80
CA PRO A 197 2.08 -16.14 -12.33
C PRO A 197 2.30 -17.06 -13.54
N PRO A 198 1.51 -18.15 -13.64
CA PRO A 198 1.62 -19.02 -14.82
C PRO A 198 1.72 -18.25 -16.16
N GLY A 199 2.68 -18.64 -16.99
CA GLY A 199 2.89 -17.99 -18.29
C GLY A 199 3.63 -16.65 -18.27
N HIS A 200 4.14 -16.24 -17.11
CA HIS A 200 4.87 -14.97 -16.93
C HIS A 200 6.21 -15.18 -16.20
N HIS A 201 7.12 -14.22 -16.32
CA HIS A 201 8.46 -14.29 -15.70
C HIS A 201 8.71 -13.27 -14.59
N SER A 202 7.73 -12.41 -14.34
CA SER A 202 7.82 -11.32 -13.37
C SER A 202 6.44 -10.72 -13.16
N VAL A 203 6.34 -9.79 -12.23
CA VAL A 203 5.14 -9.00 -11.98
C VAL A 203 5.52 -7.51 -12.01
N THR A 204 4.68 -6.71 -12.67
CA THR A 204 4.83 -5.26 -12.67
C THR A 204 3.75 -4.65 -11.79
N GLY A 205 4.17 -3.87 -10.82
CA GLY A 205 3.26 -3.14 -9.98
C GLY A 205 3.08 -1.76 -10.56
N ARG A 206 1.97 -1.56 -11.27
CA ARG A 206 1.66 -0.26 -11.86
C ARG A 206 1.01 0.71 -10.86
N PRO A 207 1.57 1.90 -10.70
CA PRO A 207 0.88 2.83 -9.79
C PRO A 207 -0.51 3.22 -10.33
N SER A 208 -1.57 3.11 -9.49
CA SER A 208 -3.00 3.41 -9.89
C SER A 208 -3.72 4.54 -9.06
N VAL A 209 -2.96 5.33 -8.31
CA VAL A 209 -3.54 6.42 -7.49
C VAL A 209 -2.63 7.66 -7.54
N ASN A 210 -1.38 7.45 -7.10
CA ASN A 210 -0.34 8.48 -7.08
C ASN A 210 0.22 8.59 -8.50
N GLY A 211 -0.30 9.61 -9.17
CA GLY A 211 0.18 9.89 -10.51
C GLY A 211 1.65 10.15 -10.66
N LEU A 212 2.41 10.41 -9.59
CA LEU A 212 3.86 10.68 -9.79
C LEU A 212 4.76 9.44 -9.60
N ALA A 213 4.19 8.36 -9.07
CA ALA A 213 4.99 7.17 -8.76
C ALA A 213 5.34 6.44 -10.04
N LEU A 214 6.57 5.96 -10.10
CA LEU A 214 6.98 5.06 -11.15
C LEU A 214 6.69 3.61 -10.76
N ALA A 215 6.83 2.72 -11.72
CA ALA A 215 6.57 1.32 -11.50
C ALA A 215 7.59 0.63 -10.57
N GLU A 216 7.12 -0.48 -10.02
CA GLU A 216 7.91 -1.40 -9.18
C GLU A 216 7.72 -2.78 -9.79
N TYR A 217 8.70 -3.65 -9.63
CA TYR A 217 8.72 -4.94 -10.32
C TYR A 217 9.19 -6.02 -9.35
N VAL A 218 8.72 -7.25 -9.59
CA VAL A 218 9.11 -8.39 -8.75
C VAL A 218 9.53 -9.54 -9.64
N ILE A 219 10.68 -10.15 -9.33
CA ILE A 219 11.10 -11.38 -9.99
C ILE A 219 11.10 -12.47 -8.91
N TYR A 220 10.94 -13.71 -9.34
CA TYR A 220 10.83 -14.84 -8.42
C TYR A 220 12.01 -15.82 -8.55
N ARG A 221 13.03 -15.39 -9.29
CA ARG A 221 14.27 -16.17 -9.45
CA ARG A 221 14.27 -16.16 -9.49
C ARG A 221 15.42 -15.18 -9.33
N GLY A 222 16.33 -15.43 -8.40
CA GLY A 222 17.48 -14.52 -8.21
C GLY A 222 18.37 -14.39 -9.43
N GLU A 223 18.35 -15.39 -10.30
CA GLU A 223 19.15 -15.40 -11.51
C GLU A 223 18.68 -14.38 -12.53
N GLN A 224 17.52 -13.76 -12.30
CA GLN A 224 16.97 -12.74 -13.22
C GLN A 224 17.41 -11.31 -12.94
N ALA A 225 18.35 -11.09 -12.02
CA ALA A 225 18.92 -9.80 -11.78
C ALA A 225 20.42 -9.92 -11.55
N TYR A 226 21.16 -8.93 -12.04
CA TYR A 226 22.59 -8.83 -11.79
C TYR A 226 22.87 -7.45 -11.15
N PRO A 227 23.56 -7.41 -10.00
CA PRO A 227 23.79 -6.13 -9.32
C PRO A 227 24.97 -5.40 -9.96
N GLU A 228 24.68 -4.57 -10.96
CA GLU A 228 25.72 -4.00 -11.84
CA GLU A 228 25.68 -4.00 -11.86
C GLU A 228 26.49 -2.87 -11.21
N TYR A 229 25.81 -1.99 -10.47
CA TYR A 229 26.45 -0.86 -9.81
C TYR A 229 26.10 -0.80 -8.33
N LEU A 230 27.15 -0.56 -7.53
CA LEU A 230 26.99 -0.24 -6.13
C LEU A 230 27.18 1.27 -5.97
N ILE A 231 26.15 1.93 -5.47
CA ILE A 231 26.16 3.38 -5.33
C ILE A 231 26.16 3.74 -3.87
N THR A 232 27.16 4.52 -3.45
CA THR A 232 27.29 4.98 -2.09
C THR A 232 26.93 6.48 -2.04
N TYR A 233 26.05 6.86 -1.12
CA TYR A 233 25.46 8.19 -1.14
C TYR A 233 24.99 8.62 0.22
N GLN A 234 24.68 9.90 0.34
CA GLN A 234 23.90 10.40 1.44
C GLN A 234 22.64 11.05 0.89
N ILE A 235 21.55 11.01 1.63
CA ILE A 235 20.39 11.86 1.31
C ILE A 235 20.73 13.27 1.78
N MET A 236 20.23 14.29 1.09
CA MET A 236 20.60 15.68 1.41
C MET A 236 19.41 16.39 2.04
N ARG A 237 19.67 17.12 3.12
CA ARG A 237 18.63 17.94 3.77
C ARG A 237 18.20 19.06 2.82
N PRO A 238 16.88 19.19 2.57
CA PRO A 238 16.41 20.32 1.74
C PRO A 238 16.75 21.67 2.41
N GLU A 239 16.99 22.70 1.61
CA GLU A 239 17.40 24.01 2.14
C GLU A 239 16.23 24.89 2.50
N GLY B 30 -1.97 17.58 3.57
CA GLY B 30 -1.52 17.43 4.98
C GLY B 30 -1.55 15.99 5.48
N THR B 31 -1.97 15.06 4.64
CA THR B 31 -2.10 13.67 5.08
C THR B 31 -0.81 12.91 4.86
N ILE B 32 -0.35 12.17 5.86
CA ILE B 32 0.68 11.18 5.61
C ILE B 32 0.18 9.80 6.00
N LEU B 33 0.67 8.79 5.28
CA LEU B 33 0.31 7.40 5.54
C LEU B 33 1.53 6.63 6.03
N ILE B 34 1.39 5.95 7.16
CA ILE B 34 2.48 5.20 7.79
C ILE B 34 2.13 3.75 7.73
N ASP B 35 2.97 2.93 7.12
CA ASP B 35 2.74 1.50 7.06
C ASP B 35 2.89 0.86 8.41
N LEU B 36 2.00 -0.05 8.71
CA LEU B 36 2.13 -0.84 9.91
C LEU B 36 2.79 -2.13 9.51
N SER B 37 3.63 -2.65 10.38
CA SER B 37 4.29 -3.93 10.16
C SER B 37 3.31 -5.04 10.47
N PRO B 38 3.29 -6.11 9.67
CA PRO B 38 2.49 -7.28 10.02
C PRO B 38 2.82 -7.90 11.38
N ASP B 39 4.03 -7.65 11.87
CA ASP B 39 4.46 -8.17 13.18
C ASP B 39 3.95 -7.34 14.34
N ASP B 40 3.34 -6.20 14.04
CA ASP B 40 2.85 -5.24 15.02
C ASP B 40 1.42 -5.65 15.46
N LYS B 41 1.16 -5.63 16.76
CA LYS B 41 -0.14 -5.98 17.31
C LYS B 41 -1.27 -5.13 16.73
N GLU B 42 -0.98 -3.87 16.43
CA GLU B 42 -1.98 -2.99 15.84
C GLU B 42 -2.44 -3.49 14.45
N PHE B 43 -1.49 -3.85 13.60
CA PHE B 43 -1.79 -4.44 12.28
C PHE B 43 -2.67 -5.68 12.51
N GLN B 44 -2.24 -6.50 13.44
CA GLN B 44 -2.90 -7.77 13.66
C GLN B 44 -4.32 -7.61 14.17
N SER B 45 -4.57 -6.59 14.99
CA SER B 45 -5.92 -6.35 15.51
CA SER B 45 -5.91 -6.37 15.51
C SER B 45 -6.84 -5.86 14.38
N VAL B 46 -6.32 -4.98 13.56
CA VAL B 46 -7.09 -4.50 12.42
C VAL B 46 -7.39 -5.63 11.42
N GLU B 47 -6.40 -6.47 11.13
CA GLU B 47 -6.64 -7.59 10.23
C GLU B 47 -7.74 -8.50 10.83
N GLU B 48 -7.66 -8.80 12.13
CA GLU B 48 -8.66 -9.68 12.75
C GLU B 48 -10.08 -9.06 12.71
N GLU B 49 -10.19 -7.76 12.93
CA GLU B 49 -11.47 -7.09 12.77
C GLU B 49 -11.99 -7.21 11.31
N MET B 50 -11.10 -7.07 10.31
CA MET B 50 -11.48 -7.34 8.92
C MET B 50 -12.01 -8.76 8.72
N GLN B 51 -11.15 -9.72 9.04
CA GLN B 51 -11.43 -11.13 8.82
C GLN B 51 -12.64 -11.67 9.59
N SER B 52 -12.74 -11.30 10.87
CA SER B 52 -13.77 -11.82 11.78
C SER B 52 -15.16 -11.26 11.50
N THR B 53 -15.27 -10.15 10.76
CA THR B 53 -16.57 -9.58 10.43
C THR B 53 -17.02 -9.82 8.97
N VAL B 54 -16.38 -10.74 8.28
CA VAL B 54 -16.91 -11.19 6.98
C VAL B 54 -18.16 -12.02 7.24
N ARG B 55 -19.22 -11.81 6.47
CA ARG B 55 -20.39 -12.68 6.50
C ARG B 55 -20.88 -12.93 5.09
N GLU B 56 -21.84 -13.83 4.95
CA GLU B 56 -22.58 -14.03 3.71
C GLU B 56 -23.61 -12.95 3.50
N HIS B 57 -23.83 -12.62 2.24
CA HIS B 57 -24.74 -11.57 1.90
C HIS B 57 -25.90 -12.17 1.09
N ARG B 58 -27.06 -11.56 1.20
CA ARG B 58 -28.28 -12.09 0.60
C ARG B 58 -28.29 -11.96 -0.91
N ASP B 59 -27.36 -11.22 -1.50
CA ASP B 59 -27.21 -11.14 -2.96
C ASP B 59 -26.33 -12.24 -3.53
N GLY B 60 -25.94 -13.20 -2.69
CA GLY B 60 -25.08 -14.31 -3.12
C GLY B 60 -23.68 -13.88 -3.56
N GLY B 61 -23.25 -12.67 -3.20
CA GLY B 61 -21.97 -12.16 -3.67
C GLY B 61 -22.03 -11.24 -4.87
N HIS B 62 -23.23 -10.94 -5.35
CA HIS B 62 -23.39 -10.11 -6.55
C HIS B 62 -22.59 -8.80 -6.49
N ALA B 63 -22.75 -8.07 -5.40
CA ALA B 63 -22.18 -6.74 -5.30
C ALA B 63 -20.70 -6.77 -4.95
N GLY B 64 -20.33 -7.54 -3.94
CA GLY B 64 -18.99 -7.59 -3.38
C GLY B 64 -18.04 -8.70 -3.80
N GLY B 65 -18.59 -9.74 -4.41
CA GLY B 65 -17.85 -10.94 -4.74
C GLY B 65 -18.11 -12.10 -3.79
N ILE B 66 -17.60 -13.26 -4.18
CA ILE B 66 -17.77 -14.49 -3.40
C ILE B 66 -16.47 -14.77 -2.66
N PHE B 67 -16.54 -14.77 -1.33
CA PHE B 67 -15.36 -14.94 -0.50
C PHE B 67 -15.74 -15.16 0.96
N ASN B 68 -14.86 -15.85 1.68
CA ASN B 68 -15.03 -16.01 3.12
C ASN B 68 -13.97 -15.27 3.92
N ARG B 69 -12.93 -14.80 3.25
CA ARG B 69 -11.84 -14.14 3.91
C ARG B 69 -11.06 -13.32 2.89
N TYR B 70 -10.17 -12.47 3.41
CA TYR B 70 -9.33 -11.60 2.62
C TYR B 70 -7.86 -11.99 2.66
N ASN B 71 -7.14 -11.61 1.61
CA ASN B 71 -5.69 -11.48 1.69
C ASN B 71 -5.35 -10.01 2.00
N ILE B 72 -4.91 -9.72 3.22
CA ILE B 72 -4.53 -8.33 3.60
C ILE B 72 -3.12 -8.05 3.07
N LEU B 73 -2.98 -7.02 2.26
CA LEU B 73 -1.72 -6.68 1.61
C LEU B 73 -0.98 -5.56 2.35
N LYS B 74 -1.73 -4.61 2.89
CA LYS B 74 -1.14 -3.49 3.60
C LYS B 74 -2.17 -2.82 4.53
N ILE B 75 -1.68 -2.30 5.65
CA ILE B 75 -2.50 -1.49 6.55
C ILE B 75 -1.68 -0.26 6.87
N GLN B 76 -2.23 0.90 6.54
CA GLN B 76 -1.61 2.19 6.80
C GLN B 76 -2.40 3.00 7.81
N LYS B 77 -1.68 3.59 8.75
CA LYS B 77 -2.24 4.65 9.59
C LYS B 77 -2.33 5.94 8.81
N VAL B 78 -3.49 6.59 8.86
CA VAL B 78 -3.74 7.87 8.18
C VAL B 78 -3.60 9.03 9.16
N CYS B 79 -2.66 9.94 8.90
CA CYS B 79 -2.33 11.01 9.85
C CYS B 79 -2.52 12.36 9.22
N ASN B 80 -3.41 13.14 9.80
CA ASN B 80 -3.64 14.48 9.30
C ASN B 80 -4.09 15.33 10.47
N LYS B 81 -3.22 16.28 10.85
CA LYS B 81 -3.41 17.10 12.03
C LYS B 81 -4.69 17.92 11.95
N LYS B 82 -4.88 18.62 10.84
CA LYS B 82 -6.09 19.40 10.65
C LYS B 82 -7.38 18.57 10.66
N LEU B 83 -7.40 17.43 9.96
CA LEU B 83 -8.60 16.59 9.98
C LEU B 83 -8.86 16.02 11.37
N TRP B 84 -7.78 15.65 12.07
CA TRP B 84 -7.92 15.12 13.41
C TRP B 84 -8.58 16.16 14.33
N GLU B 85 -8.03 17.37 14.34
CA GLU B 85 -8.60 18.46 15.13
C GLU B 85 -10.07 18.75 14.79
N ARG B 86 -10.39 18.80 13.51
CA ARG B 86 -11.77 18.91 13.05
C ARG B 86 -12.66 17.81 13.70
N TYR B 87 -12.17 16.57 13.66
CA TYR B 87 -12.88 15.46 14.30
C TYR B 87 -13.05 15.63 15.81
N THR B 88 -11.97 15.91 16.54
CA THR B 88 -12.02 16.01 18.01
C THR B 88 -12.82 17.19 18.52
N HIS B 89 -12.93 18.24 17.70
CA HIS B 89 -13.72 19.41 18.05
C HIS B 89 -15.19 19.03 17.99
N ARG B 90 -15.57 18.35 16.91
CA ARG B 90 -16.96 17.91 16.76
C ARG B 90 -17.30 16.89 17.83
N ARG B 91 -16.35 16.02 18.15
CA ARG B 91 -16.56 14.95 19.13
C ARG B 91 -16.90 15.52 20.50
N LYS B 92 -16.15 16.56 20.85
CA LYS B 92 -16.34 17.29 22.10
C LYS B 92 -17.72 17.93 22.17
N GLU B 93 -18.19 18.55 21.07
CA GLU B 93 -19.55 19.12 21.01
C GLU B 93 -20.62 18.04 21.18
N VAL B 94 -20.46 16.95 20.43
CA VAL B 94 -21.39 15.83 20.52
C VAL B 94 -21.35 15.22 21.93
N SER B 95 -20.16 15.02 22.47
CA SER B 95 -20.05 14.41 23.78
C SER B 95 -20.80 15.26 24.84
N GLU B 96 -20.59 16.58 24.81
CA GLU B 96 -21.27 17.50 25.74
C GLU B 96 -22.80 17.50 25.54
N GLU B 97 -23.26 17.45 24.30
CA GLU B 97 -24.69 17.35 24.04
C GLU B 97 -25.29 16.04 24.52
N ASN B 98 -24.49 14.97 24.56
CA ASN B 98 -24.96 13.66 24.95
C ASN B 98 -24.49 13.32 26.36
N HIS B 99 -24.36 14.36 27.20
CA HIS B 99 -24.09 14.17 28.63
C HIS B 99 -22.81 13.40 28.87
N ASN B 100 -21.79 13.93 28.20
CA ASN B 100 -20.40 13.47 28.27
CA ASN B 100 -20.41 13.45 28.28
C ASN B 100 -20.24 12.02 27.78
N HIS B 101 -20.82 11.73 26.62
CA HIS B 101 -20.70 10.43 25.97
C HIS B 101 -20.64 10.58 24.44
N ALA B 102 -19.43 10.50 23.91
CA ALA B 102 -19.16 10.55 22.48
C ALA B 102 -19.80 9.36 21.76
N ASN B 103 -19.87 8.22 22.44
CA ASN B 103 -20.37 6.97 21.85
C ASN B 103 -19.55 6.67 20.59
N GLU B 104 -18.23 6.63 20.76
CA GLU B 104 -17.32 6.51 19.65
C GLU B 104 -17.03 5.05 19.31
N ARG B 105 -17.04 4.75 18.01
CA ARG B 105 -16.85 3.40 17.50
C ARG B 105 -15.74 3.36 16.44
N MET B 106 -15.25 2.16 16.16
CA MET B 106 -14.40 1.89 14.99
C MET B 106 -15.27 1.10 14.02
N LEU B 107 -15.44 1.64 12.81
CA LEU B 107 -16.34 1.12 11.81
C LEU B 107 -15.74 1.16 10.40
N PHE B 108 -16.16 0.22 9.55
CA PHE B 108 -15.66 0.16 8.19
C PHE B 108 -16.36 1.14 7.25
N HIS B 109 -15.65 1.60 6.24
CA HIS B 109 -16.26 2.37 5.14
C HIS B 109 -15.61 1.98 3.82
N GLY B 110 -16.45 1.60 2.85
CA GLY B 110 -16.00 1.32 1.49
C GLY B 110 -16.56 2.38 0.61
N SER B 111 -15.76 2.89 -0.34
CA SER B 111 -16.22 3.96 -1.22
C SER B 111 -15.29 4.16 -2.44
N PRO B 112 -15.87 4.49 -3.60
CA PRO B 112 -15.02 4.96 -4.72
C PRO B 112 -14.18 6.21 -4.40
N PHE B 113 -14.51 6.95 -3.35
CA PHE B 113 -13.81 8.22 -3.03
C PHE B 113 -12.79 8.09 -1.91
N VAL B 114 -12.40 6.86 -1.62
CA VAL B 114 -11.50 6.59 -0.50
CA VAL B 114 -11.50 6.57 -0.51
C VAL B 114 -10.22 7.44 -0.60
N ASN B 115 -9.71 7.63 -1.81
CA ASN B 115 -8.47 8.43 -1.96
C ASN B 115 -8.70 9.92 -1.70
N ALA B 116 -9.89 10.41 -2.02
CA ALA B 116 -10.28 11.77 -1.67
C ALA B 116 -10.52 11.93 -0.16
N ILE B 117 -11.17 10.94 0.43
CA ILE B 117 -11.48 11.00 1.85
C ILE B 117 -10.24 11.13 2.72
N ILE B 118 -9.21 10.36 2.43
CA ILE B 118 -8.02 10.40 3.29
C ILE B 118 -7.29 11.75 3.22
N HIS B 119 -7.45 12.48 2.12
CA HIS B 119 -6.73 13.76 1.95
C HIS B 119 -7.56 14.93 2.41
N LYS B 120 -8.87 14.87 2.15
CA LYS B 120 -9.78 16.00 2.32
C LYS B 120 -10.78 15.78 3.44
N GLY B 121 -10.92 14.55 3.93
CA GLY B 121 -11.82 14.27 5.05
C GLY B 121 -13.18 13.95 4.53
N PHE B 122 -14.04 13.43 5.41
CA PHE B 122 -15.44 13.19 5.07
C PHE B 122 -16.23 14.50 4.97
N ASP B 123 -17.09 14.62 3.96
CA ASP B 123 -18.11 15.66 3.91
C ASP B 123 -19.26 15.23 3.00
N GLU B 124 -20.17 16.15 2.70
CA GLU B 124 -21.40 15.82 1.96
C GLU B 124 -21.17 15.13 0.62
N ARG B 125 -20.02 15.33 -0.01
CA ARG B 125 -19.70 14.63 -1.27
C ARG B 125 -19.65 13.10 -1.09
N HIS B 126 -19.48 12.64 0.15
CA HIS B 126 -19.31 11.18 0.43
C HIS B 126 -20.57 10.48 0.96
N ALA B 127 -21.68 11.20 0.95
CA ALA B 127 -22.96 10.70 1.43
C ALA B 127 -23.60 9.78 0.41
N TYR B 128 -24.36 8.83 0.92
CA TYR B 128 -25.14 7.89 0.11
C TYR B 128 -26.54 8.45 0.13
N ILE B 129 -26.87 9.19 -0.93
CA ILE B 129 -28.07 10.01 -0.96
C ILE B 129 -29.27 9.10 -0.84
N GLY B 130 -29.24 7.98 -1.55
CA GLY B 130 -30.35 7.04 -1.56
C GLY B 130 -30.28 5.95 -0.51
N GLY B 131 -29.48 6.13 0.53
CA GLY B 131 -29.40 5.17 1.61
C GLY B 131 -30.75 5.04 2.32
N MET B 132 -31.02 3.87 2.86
CA MET B 132 -32.29 3.59 3.55
C MET B 132 -32.58 4.38 4.83
N PHE B 133 -31.57 4.98 5.43
CA PHE B 133 -31.81 5.88 6.56
C PHE B 133 -31.51 7.30 6.20
N GLY B 134 -31.64 7.62 4.92
CA GLY B 134 -31.53 8.99 4.46
C GLY B 134 -30.13 9.35 4.04
N ALA B 135 -30.02 10.56 3.49
CA ALA B 135 -28.79 11.03 2.87
C ALA B 135 -27.75 11.36 3.93
N GLY B 136 -26.87 10.41 4.17
CA GLY B 136 -25.78 10.60 5.13
C GLY B 136 -24.63 9.68 4.80
N ILE B 137 -23.62 9.65 5.65
CA ILE B 137 -22.42 8.86 5.41
C ILE B 137 -22.56 7.55 6.20
N TYR B 138 -22.45 6.43 5.49
CA TYR B 138 -22.75 5.10 6.02
C TYR B 138 -21.51 4.30 6.41
N PHE B 139 -21.59 3.60 7.54
CA PHE B 139 -20.52 2.77 8.03
C PHE B 139 -21.09 1.41 8.42
N ALA B 140 -20.21 0.41 8.45
CA ALA B 140 -20.60 -0.96 8.79
C ALA B 140 -19.70 -1.59 9.84
N GLU B 141 -20.33 -2.40 10.70
CA GLU B 141 -19.59 -3.35 11.53
C GLU B 141 -19.06 -4.54 10.72
N ASN B 142 -19.78 -4.96 9.68
CA ASN B 142 -19.30 -6.03 8.81
C ASN B 142 -18.37 -5.43 7.75
N SER B 143 -17.11 -5.84 7.75
CA SER B 143 -16.17 -5.49 6.68
C SER B 143 -16.73 -5.83 5.29
N SER B 144 -17.41 -6.97 5.18
CA SER B 144 -17.91 -7.46 3.90
C SER B 144 -19.07 -6.59 3.39
N LYS B 145 -19.74 -5.89 4.29
CA LYS B 145 -20.82 -4.97 3.89
C LYS B 145 -20.17 -3.76 3.20
N SER B 146 -19.14 -3.18 3.84
CA SER B 146 -18.40 -2.07 3.23
C SER B 146 -17.70 -2.48 1.92
N ASN B 147 -17.21 -3.72 1.84
CA ASN B 147 -16.62 -4.24 0.58
C ASN B 147 -17.59 -4.14 -0.60
N GLN B 148 -18.88 -4.32 -0.34
CA GLN B 148 -19.89 -4.11 -1.39
C GLN B 148 -19.90 -2.73 -2.03
N TYR B 149 -19.25 -1.72 -1.43
CA TYR B 149 -19.26 -0.35 -1.97
C TYR B 149 -17.94 0.16 -2.52
N VAL B 150 -16.91 -0.67 -2.43
CA VAL B 150 -15.59 -0.32 -2.95
C VAL B 150 -15.63 0.17 -4.40
N TYR B 151 -16.40 -0.52 -5.23
CA TYR B 151 -16.54 -0.15 -6.63
C TYR B 151 -17.84 0.59 -6.93
N GLY B 152 -18.46 1.19 -5.91
CA GLY B 152 -19.71 1.91 -6.08
C GLY B 152 -20.96 1.22 -5.54
N ILE B 153 -22.10 1.87 -5.67
CA ILE B 153 -23.37 1.28 -5.18
C ILE B 153 -23.64 -0.03 -5.90
N GLY B 154 -23.98 -1.08 -5.17
CA GLY B 154 -24.25 -2.36 -5.81
C GLY B 154 -23.02 -3.02 -6.40
N GLY B 155 -21.84 -2.51 -6.05
CA GLY B 155 -20.60 -2.94 -6.65
C GLY B 155 -20.29 -2.33 -8.01
N GLY B 156 -21.12 -1.37 -8.45
CA GLY B 156 -20.97 -0.74 -9.75
C GLY B 156 -20.78 -1.79 -10.80
N THR B 157 -19.78 -1.60 -11.66
CA THR B 157 -19.41 -2.60 -12.67
C THR B 157 -18.15 -3.39 -12.27
N GLY B 158 -17.80 -3.38 -10.98
CA GLY B 158 -16.69 -4.17 -10.45
C GLY B 158 -15.37 -3.47 -10.71
N CYS B 159 -14.28 -4.22 -10.69
CA CYS B 159 -12.96 -3.62 -10.85
C CYS B 159 -12.82 -2.94 -12.22
N PRO B 160 -11.99 -1.88 -12.31
CA PRO B 160 -11.78 -1.19 -13.60
C PRO B 160 -11.18 -2.07 -14.66
N VAL B 161 -10.23 -2.92 -14.26
CA VAL B 161 -9.47 -3.73 -15.20
C VAL B 161 -10.26 -4.90 -15.79
N HIS B 162 -11.05 -5.59 -14.98
CA HIS B 162 -11.73 -6.79 -15.45
C HIS B 162 -13.26 -6.65 -15.47
N LYS B 163 -13.79 -5.53 -14.99
CA LYS B 163 -15.24 -5.37 -14.82
C LYS B 163 -15.85 -6.57 -14.09
N ASP B 164 -15.23 -6.98 -12.99
CA ASP B 164 -15.63 -8.15 -12.27
C ASP B 164 -15.83 -7.76 -10.81
N ARG B 165 -17.07 -7.82 -10.31
CA ARG B 165 -17.36 -7.44 -8.93
C ARG B 165 -16.73 -8.42 -7.96
N SER B 166 -16.45 -9.63 -8.46
CA SER B 166 -15.81 -10.66 -7.66
C SER B 166 -14.35 -10.86 -8.05
N CYS B 167 -13.69 -9.81 -8.56
CA CYS B 167 -12.27 -9.97 -8.97
C CYS B 167 -11.42 -10.37 -7.78
N TYR B 168 -10.66 -11.46 -7.96
CA TYR B 168 -9.70 -11.96 -6.98
C TYR B 168 -8.26 -11.45 -7.23
N ILE B 169 -8.08 -10.67 -8.30
CA ILE B 169 -6.75 -10.20 -8.72
C ILE B 169 -6.52 -8.78 -8.28
N CYS B 170 -7.47 -7.90 -8.57
CA CYS B 170 -7.25 -6.47 -8.33
C CYS B 170 -7.30 -6.11 -6.85
N HIS B 171 -6.46 -5.16 -6.50
CA HIS B 171 -6.30 -4.70 -5.13
C HIS B 171 -7.43 -3.75 -4.76
N ARG B 172 -8.04 -3.95 -3.58
CA ARG B 172 -9.12 -3.11 -3.06
C ARG B 172 -8.63 -2.35 -1.84
N GLN B 173 -9.30 -1.26 -1.52
CA GLN B 173 -9.06 -0.55 -0.28
C GLN B 173 -10.34 -0.28 0.49
N LEU B 174 -10.28 -0.46 1.83
CA LEU B 174 -11.34 -0.04 2.76
C LEU B 174 -10.73 0.90 3.78
N LEU B 175 -11.58 1.70 4.41
CA LEU B 175 -11.18 2.49 5.55
C LEU B 175 -11.75 1.85 6.80
N PHE B 176 -10.98 1.95 7.86
CA PHE B 176 -11.46 1.56 9.17
C PHE B 176 -11.38 2.85 9.98
N CYS B 177 -12.56 3.35 10.34
CA CYS B 177 -12.71 4.73 10.81
C CYS B 177 -13.18 4.88 12.25
N ARG B 178 -12.75 5.97 12.86
CA ARG B 178 -13.23 6.36 14.18
C ARG B 178 -14.51 7.19 13.95
N VAL B 179 -15.64 6.78 14.52
CA VAL B 179 -16.93 7.41 14.23
C VAL B 179 -17.61 7.82 15.54
N THR B 180 -17.98 9.10 15.65
CA THR B 180 -18.70 9.60 16.81
C THR B 180 -20.19 9.42 16.57
N LEU B 181 -20.83 8.54 17.33
CA LEU B 181 -22.27 8.33 17.13
C LEU B 181 -23.19 9.20 17.99
N GLY B 182 -22.70 9.65 19.14
CA GLY B 182 -23.53 10.40 20.09
C GLY B 182 -24.78 9.64 20.47
N LYS B 183 -25.87 10.36 20.67
CA LYS B 183 -27.18 9.72 20.82
C LYS B 183 -27.62 9.21 19.46
N SER B 184 -27.68 7.88 19.31
CA SER B 184 -28.01 7.26 18.04
C SER B 184 -29.47 6.79 18.03
N PHE B 185 -30.19 7.14 16.98
CA PHE B 185 -31.57 6.70 16.81
C PHE B 185 -31.56 5.27 16.31
N LEU B 186 -32.15 4.37 17.09
CA LEU B 186 -32.23 2.97 16.72
C LEU B 186 -33.34 2.75 15.70
N GLN B 187 -33.00 2.29 14.52
CA GLN B 187 -33.97 1.98 13.51
C GLN B 187 -33.80 0.50 13.18
N PHE B 188 -34.84 -0.31 13.40
CA PHE B 188 -34.78 -1.71 12.99
C PHE B 188 -35.09 -1.74 11.49
N SER B 189 -34.46 -2.63 10.77
CA SER B 189 -34.57 -2.64 9.31
C SER B 189 -34.79 -4.06 8.88
N ALA B 190 -35.61 -4.23 7.86
CA ALA B 190 -36.05 -5.54 7.44
C ALA B 190 -34.95 -6.39 6.79
N MET B 191 -33.76 -5.82 6.62
CA MET B 191 -32.62 -6.56 6.08
C MET B 191 -32.15 -7.74 6.98
N LYS B 192 -31.66 -8.75 6.48
N MET B 193 -27.29 16.46 1.82
CA MET B 193 -27.14 15.65 3.08
C MET B 193 -28.22 15.98 4.15
N ALA B 194 -28.96 14.94 4.57
CA ALA B 194 -30.06 15.05 5.52
C ALA B 194 -29.58 15.43 6.92
N HIS B 195 -30.52 15.63 7.84
CA HIS B 195 -30.19 16.01 9.21
C HIS B 195 -30.48 14.84 10.11
N SER B 196 -29.80 14.78 11.25
CA SER B 196 -30.06 13.72 12.21
C SER B 196 -31.49 13.88 12.71
N PRO B 197 -32.10 12.78 13.19
CA PRO B 197 -33.40 12.90 13.86
C PRO B 197 -33.30 13.86 15.04
N PRO B 198 -34.33 14.69 15.29
CA PRO B 198 -34.25 15.68 16.36
C PRO B 198 -33.68 15.11 17.67
N GLY B 199 -32.71 15.82 18.23
CA GLY B 199 -32.05 15.40 19.46
C GLY B 199 -31.17 14.17 19.33
N HIS B 200 -30.88 13.76 18.09
CA HIS B 200 -29.94 12.62 17.86
C HIS B 200 -28.75 13.06 16.99
N HIS B 201 -27.65 12.32 17.04
CA HIS B 201 -26.46 12.64 16.25
C HIS B 201 -26.11 11.60 15.16
N SER B 202 -26.90 10.53 15.08
CA SER B 202 -26.66 9.48 14.12
C SER B 202 -27.84 8.54 14.16
N VAL B 203 -27.84 7.61 13.21
CA VAL B 203 -28.83 6.55 13.15
C VAL B 203 -28.10 5.22 13.16
N THR B 204 -28.65 4.28 13.93
CA THR B 204 -28.22 2.89 14.00
C THR B 204 -29.23 2.03 13.28
N GLY B 205 -28.80 1.49 12.15
CA GLY B 205 -29.63 0.62 11.33
C GLY B 205 -29.32 -0.79 11.74
N ARG B 206 -30.28 -1.44 12.37
CA ARG B 206 -30.02 -2.74 12.96
C ARG B 206 -30.80 -3.79 12.22
N PRO B 207 -30.12 -4.68 11.49
CA PRO B 207 -30.90 -5.71 10.80
C PRO B 207 -31.71 -6.59 11.74
N SER B 208 -32.99 -6.78 11.43
CA SER B 208 -33.92 -7.51 12.28
C SER B 208 -34.35 -8.87 11.68
N VAL B 209 -33.98 -9.15 10.43
CA VAL B 209 -34.29 -10.43 9.79
C VAL B 209 -33.08 -11.37 9.72
N ASN B 210 -31.96 -10.89 9.20
CA ASN B 210 -30.75 -11.70 9.22
C ASN B 210 -30.03 -11.63 10.57
N GLY B 211 -30.09 -12.72 11.32
CA GLY B 211 -29.53 -12.72 12.67
C GLY B 211 -28.01 -12.65 12.71
N LEU B 212 -27.36 -12.85 11.56
CA LEU B 212 -25.90 -12.80 11.51
C LEU B 212 -25.38 -11.47 11.02
N ALA B 213 -26.26 -10.59 10.57
CA ALA B 213 -25.85 -9.32 9.99
C ALA B 213 -25.66 -8.35 11.12
N LEU B 214 -24.52 -7.65 11.09
CA LEU B 214 -24.21 -6.66 12.12
C LEU B 214 -24.84 -5.31 11.75
N ALA B 215 -24.70 -4.34 12.63
CA ALA B 215 -25.34 -3.05 12.41
C ALA B 215 -24.63 -2.21 11.36
N GLU B 216 -25.40 -1.26 10.83
CA GLU B 216 -24.91 -0.19 9.96
C GLU B 216 -25.24 1.13 10.65
N TYR B 217 -24.47 2.18 10.36
CA TYR B 217 -24.57 3.44 11.07
C TYR B 217 -24.47 4.58 10.08
N VAL B 218 -25.24 5.63 10.34
CA VAL B 218 -25.27 6.80 9.48
C VAL B 218 -25.00 8.02 10.30
N ILE B 219 -24.09 8.84 9.80
CA ILE B 219 -23.87 10.17 10.33
C ILE B 219 -24.23 11.21 9.28
N TYR B 220 -24.59 12.39 9.74
CA TYR B 220 -25.05 13.44 8.84
C TYR B 220 -24.10 14.64 8.84
N ARG B 221 -22.98 14.50 9.52
CA ARG B 221 -21.90 15.50 9.51
C ARG B 221 -20.59 14.76 9.26
N GLY B 222 -19.81 15.19 8.29
CA GLY B 222 -18.55 14.51 8.00
C GLY B 222 -17.51 14.66 9.10
N GLU B 223 -17.66 15.70 9.92
CA GLU B 223 -16.76 15.91 11.03
C GLU B 223 -16.89 14.85 12.11
N GLN B 224 -17.96 14.03 12.10
CA GLN B 224 -18.10 12.92 13.10
C GLN B 224 -17.42 11.61 12.70
N ALA B 225 -16.62 11.63 11.63
CA ALA B 225 -15.77 10.45 11.31
C ALA B 225 -14.32 10.86 10.95
N TYR B 226 -13.36 10.01 11.33
CA TYR B 226 -11.97 10.20 10.98
C TYR B 226 -11.45 8.88 10.37
N PRO B 227 -10.87 8.96 9.16
CA PRO B 227 -10.42 7.73 8.44
C PRO B 227 -9.09 7.24 8.96
N GLU B 228 -9.11 6.52 10.07
CA GLU B 228 -7.89 6.22 10.79
C GLU B 228 -6.95 5.22 10.14
N TYR B 229 -7.48 4.17 9.50
CA TYR B 229 -6.67 3.18 8.81
C TYR B 229 -7.14 2.96 7.37
N LEU B 230 -6.19 2.87 6.45
CA LEU B 230 -6.42 2.53 5.07
C LEU B 230 -5.89 1.13 4.84
N ILE B 231 -6.77 0.23 4.44
CA ILE B 231 -6.50 -1.19 4.32
C ILE B 231 -6.55 -1.60 2.86
N THR B 232 -5.46 -2.21 2.37
CA THR B 232 -5.36 -2.68 0.98
C THR B 232 -5.40 -4.19 0.99
N TYR B 233 -6.25 -4.79 0.17
CA TYR B 233 -6.54 -6.21 0.27
C TYR B 233 -7.09 -6.82 -1.03
N GLN B 234 -7.10 -8.14 -1.10
CA GLN B 234 -7.83 -8.84 -2.13
C GLN B 234 -8.87 -9.70 -1.43
N ILE B 235 -10.01 -9.89 -2.07
CA ILE B 235 -10.93 -10.96 -1.64
C ILE B 235 -10.32 -12.26 -2.14
N MET B 236 -10.49 -13.35 -1.39
CA MET B 236 -9.92 -14.64 -1.73
C MET B 236 -11.00 -15.63 -2.22
N ARG B 237 -10.71 -16.32 -3.33
CA ARG B 237 -11.61 -17.34 -3.87
C ARG B 237 -11.71 -18.52 -2.90
N PRO B 238 -12.93 -18.89 -2.46
CA PRO B 238 -13.02 -20.02 -1.49
C PRO B 238 -12.47 -21.32 -2.07
N GLU B 239 -11.93 -22.19 -1.22
CA GLU B 239 -11.52 -23.52 -1.66
C GLU B 239 -12.71 -24.44 -1.66
ZN ZN C . 23.29 8.04 11.03
C1 GOL D . -2.84 8.86 -12.12
O1 GOL D . -3.33 8.72 -10.79
C2 GOL D . -2.60 7.45 -12.69
O2 GOL D . -3.75 7.12 -13.51
C3 GOL D . -2.37 6.40 -11.59
O3 GOL D . -1.07 6.58 -10.95
S SO4 E . 4.86 5.54 -1.58
O1 SO4 E . 4.37 4.94 -2.86
O2 SO4 E . 6.19 5.02 -1.28
O3 SO4 E . 3.85 5.07 -0.61
O4 SO4 E . 4.81 6.99 -1.67
S SO4 F . 17.11 21.05 -2.20
O1 SO4 F . 17.51 21.44 -3.58
O2 SO4 F . 17.89 19.85 -1.81
O3 SO4 F . 15.67 20.75 -2.26
O4 SO4 F . 17.29 22.12 -1.19
O1 F35 G . 15.56 -6.88 5.03
O1 F35 G . 16.21 -9.24 1.84
C2 F35 G . 14.45 -7.51 5.13
C2 F35 G . 15.27 -9.64 2.65
N F35 G . 13.77 -7.62 6.31
N F35 G . 14.94 -10.96 2.84
C1 F35 G . 12.56 -8.41 6.08
C1 F35 G . 13.84 -11.05 3.81
C F35 G . 12.79 -8.56 4.60
C F35 G . 13.73 -9.57 4.00
O F35 G . 11.99 -9.24 3.85
O F35 G . 12.85 -9.05 4.80
N1 F35 G . 13.88 -8.07 4.06
N1 F35 G . 14.53 -8.75 3.34
C3 F35 G . 14.36 -8.15 2.68
C3 F35 G . 14.60 -7.29 3.44
C4 F35 G . 13.93 -7.07 1.73
C4 F35 G . 14.14 -6.47 2.25
C5 F35 G . 14.89 -6.51 0.89
C5 F35 G . 15.07 -6.03 1.31
C6 F35 G . 14.54 -5.53 -0.02
C6 F35 G . 14.66 -5.25 0.23
C9 F35 G . 12.62 -6.62 1.67
C9 F35 G . 12.82 -6.07 2.13
C8 F35 G . 12.26 -5.63 0.74
C8 F35 G . 12.40 -5.28 1.05
C7 F35 G . 13.24 -5.05 -0.07
C7 F35 G . 13.32 -4.84 0.10
C10 F35 G . 12.86 -4.03 -1.09
C10 F35 G . 12.90 -4.00 -1.06
N3 F35 G . 13.80 -3.32 -1.75
N3 F35 G . 13.83 -3.39 -1.80
C17 F35 G . 13.48 -2.42 -2.70
C17 F35 G . 13.53 -2.62 -2.87
O2 F35 G . 14.33 -1.73 -3.30
O2 F35 G . 14.41 -2.04 -3.54
N2 F35 G . 11.56 -3.90 -1.37
N2 F35 G . 11.58 -3.87 -1.34
C11 F35 G . 11.09 -3.05 -2.31
C11 F35 G . 11.14 -3.13 -2.40
C12 F35 G . 12.06 -2.26 -3.06
C12 F35 G . 12.11 -2.47 -3.25
C16 F35 G . 9.75 -2.93 -2.59
C16 F35 G . 9.79 -3.01 -2.70
C15 F35 G . 9.32 -2.04 -3.56
C15 F35 G . 9.41 -2.24 -3.81
C14 F35 G . 10.25 -1.27 -4.28
C14 F35 G . 10.35 -1.60 -4.62
C13 F35 G . 11.62 -1.36 -4.03
C13 F35 G . 11.71 -1.70 -4.34
ZN ZN H . -9.83 -7.04 -11.60
S SO4 I . -27.04 -8.15 2.35
S SO4 I . -27.10 -7.95 2.84
O1 SO4 I . -26.53 -8.32 0.97
O1 SO4 I . -26.79 -9.37 3.14
O2 SO4 I . -26.17 -7.22 3.10
O2 SO4 I . -27.65 -7.31 4.05
O3 SO4 I . -27.11 -9.48 3.01
O3 SO4 I . -28.13 -7.95 1.80
O4 SO4 I . -28.39 -7.52 2.33
O4 SO4 I . -25.89 -7.24 2.35
S SO4 J . -11.84 -20.64 2.14
O1 SO4 J . -11.37 -21.79 1.34
O2 SO4 J . -11.55 -20.83 3.57
O3 SO4 J . -13.29 -20.55 1.89
O4 SO4 J . -11.21 -19.37 1.71
O1 F35 K . -19.96 6.34 -4.83
O1 F35 K . -19.89 8.89 -2.15
C2 F35 K . -21.18 6.72 -4.82
C2 F35 K . -21.00 8.95 -2.78
N F35 K . -21.95 6.69 -5.93
N F35 K . -21.70 10.11 -2.95
C1 F35 K . -23.28 7.22 -5.59
C1 F35 K . -22.93 9.81 -3.70
C F35 K . -22.98 7.44 -4.14
C F35 K . -22.67 8.33 -3.80
O F35 K . -23.87 7.93 -3.34
O F35 K . -23.49 7.53 -4.41
N1 F35 K . -21.76 7.16 -3.69
N1 F35 K . -21.56 7.83 -3.25
C3 F35 K . -21.15 7.35 -2.37
C3 F35 K . -21.04 6.46 -3.28
C4 F35 K . -21.24 6.19 -1.40
C4 F35 K . -21.14 5.61 -2.02
C5 F35 K . -20.10 5.87 -0.67
C5 F35 K . -20.02 5.40 -1.23
C6 F35 K . -20.12 4.84 0.26
C6 F35 K . -20.10 4.58 -0.10
C9 F35 K . -22.41 5.49 -1.20
C9 F35 K . -22.33 4.97 -1.70
C8 F35 K . -22.44 4.46 -0.25
C8 F35 K . -22.42 4.16 -0.57
C7 F35 K . -21.29 4.11 0.44
C7 F35 K . -21.30 3.96 0.23
C10 F35 K . -21.32 3.07 1.50
C10 F35 K . -21.38 3.09 1.44
N3 F35 K . -20.18 2.63 2.08
N3 F35 K . -20.23 2.72 2.08
C17 F35 K . -20.22 1.74 3.08
C17 F35 K . -20.26 1.94 3.17
O2 F35 K . -19.19 1.27 3.61
O2 F35 K . -19.22 1.59 3.75
N2 F35 K . -22.57 2.74 1.93
N2 F35 K . -22.61 2.71 1.86
C11 F35 K . -22.75 1.86 2.92
C11 F35 K . -22.77 1.91 2.95
C12 F35 K . -21.56 1.30 3.59
C12 F35 K . -21.58 1.49 3.69
C16 F35 K . -24.01 1.46 3.34
C16 F35 K . -24.02 1.50 3.39
C15 F35 K . -24.14 0.55 4.39
C15 F35 K . -24.12 0.69 4.53
C14 F35 K . -23.01 0.04 5.05
C14 F35 K . -22.99 0.30 5.25
C13 F35 K . -21.73 0.40 4.64
C13 F35 K . -21.72 0.69 4.83
#